data_9BPU
#
_entry.id   9BPU
#
_cell.length_a   1.00
_cell.length_b   1.00
_cell.length_c   1.00
_cell.angle_alpha   90.00
_cell.angle_beta   90.00
_cell.angle_gamma   90.00
#
_symmetry.space_group_name_H-M   'P 1'
#
loop_
_entity.id
_entity.type
_entity.pdbx_description
1 polymer 'Interferon lambda-4'
2 polymer 'Interleukin-10 receptor subunit beta'
3 polymer 'Interferon lambda receptor 1'
4 branched 2-acetamido-2-deoxy-beta-D-glucopyranose-(1-4)-2-acetamido-2-deoxy-beta-D-glucopyranose
5 branched beta-D-mannopyranose-(1-4)-2-acetamido-2-deoxy-beta-D-glucopyranose-(1-4)-2-acetamido-2-deoxy-beta-D-glucopyranose
#
loop_
_entity_poly.entity_id
_entity_poly.type
_entity_poly.pdbx_seq_one_letter_code
_entity_poly.pdbx_strand_id
1 'polypeptide(L)'
;GGGSGAAAPRRCLLSHYRSLEPRTLAAAKALRDRYEEEALSWGQRNCSFRPRRDPPRPSSCARLRHVARGIADAQAVLSG
LHRSELLPGAGPILELLAAAGRDVAACLELARPGSSRKVPGAQKRRHKPRRADSPRCRKASVVFNLLRLLTWELRLAAHS
GPCLAAAHHHHHHHH
;
C
2 'polypeptide(L)'
;GSMVPPPENVRMNSVNFKNILQWESPAFAKGQLTFTAQYLSYRIFQDKCMQTTLTECDFSSLSKYGDHTLRVRAEFADEH
SDWVQITFCPVDDTIIGPPGMQVEVLADSLHMRFLAPKIENEYETWTMKDMYNSWTYNVQYWKQGTDEKFQITPQYDFEV
LRNLEPRTTYCVQVRGFLPDRNKAGEWSEPVCEQTTHDETVPSAAAHHHHHH
;
A
3 'polypeptide(L)'
;RPRLAPPQNVTLLSQNFSVYLTWLPGLGNPQDVTYFVAYQSSPTRRRWREVEECAGTKELLCSMMCLKKQDLYNKFKGRV
RTVSPSSKSPWVESEYLDYLFEVEPAPPVLVLTQTEEILSANATYQLPPCMPPLDLKYEVAFWKEGAGNKTLFPVTPHGQ
PVQITLQPAASEHHCLSARTIYTFSVPKYSKFSKPTCFLLEVPEANAAA
;
B
#
# COMPACT_ATOMS: atom_id res chain seq x y z
N ALA A 8 18.47 1.20 -25.79
CA ALA A 8 17.76 2.42 -25.46
C ALA A 8 17.83 2.71 -23.96
N PRO A 9 18.00 3.98 -23.59
CA PRO A 9 18.02 4.34 -22.18
C PRO A 9 16.68 4.04 -21.50
N ARG A 10 16.76 3.66 -20.23
CA ARG A 10 15.58 3.27 -19.48
C ARG A 10 14.82 4.51 -19.01
N ARG A 11 13.50 4.50 -19.19
CA ARG A 11 12.66 5.61 -18.76
C ARG A 11 12.47 5.57 -17.24
N CYS A 12 12.05 6.72 -16.69
CA CYS A 12 11.82 6.84 -15.27
C CYS A 12 10.46 6.23 -14.91
N LEU A 13 10.48 5.18 -14.10
CA LEU A 13 9.25 4.54 -13.66
C LEU A 13 9.15 4.58 -12.13
N LEU A 14 9.42 5.74 -11.55
CA LEU A 14 9.33 5.89 -10.11
C LEU A 14 7.91 6.09 -9.61
N SER A 15 6.95 6.28 -10.50
CA SER A 15 5.60 6.65 -10.09
C SER A 15 4.89 5.54 -9.34
N HIS A 16 5.31 4.29 -9.49
CA HIS A 16 4.62 3.18 -8.84
C HIS A 16 5.16 2.86 -7.45
N TYR A 17 6.12 3.64 -6.96
CA TYR A 17 6.66 3.47 -5.62
C TYR A 17 5.94 4.32 -4.57
N ARG A 18 4.87 5.02 -4.96
CA ARG A 18 4.16 5.85 -4.00
C ARG A 18 3.46 4.99 -2.95
N SER A 19 2.89 3.86 -3.34
CA SER A 19 2.26 2.92 -2.43
C SER A 19 2.96 1.57 -2.55
N LEU A 20 3.71 1.20 -1.52
CA LEU A 20 4.44 -0.06 -1.56
C LEU A 20 3.50 -1.24 -1.30
N GLU A 21 3.96 -2.42 -1.70
CA GLU A 21 3.18 -3.62 -1.52
C GLU A 21 2.97 -3.90 -0.03
N PRO A 22 1.75 -4.19 0.42
CA PRO A 22 1.54 -4.41 1.86
C PRO A 22 2.38 -5.54 2.42
N ARG A 23 2.59 -6.60 1.66
CA ARG A 23 3.38 -7.72 2.14
C ARG A 23 4.84 -7.33 2.34
N THR A 24 5.37 -6.45 1.47
CA THR A 24 6.73 -5.96 1.65
C THR A 24 6.87 -5.19 2.96
N LEU A 25 5.90 -4.33 3.26
CA LEU A 25 5.95 -3.56 4.51
C LEU A 25 5.80 -4.48 5.72
N ALA A 26 4.96 -5.51 5.61
CA ALA A 26 4.85 -6.47 6.69
C ALA A 26 6.17 -7.22 6.91
N ALA A 27 6.85 -7.57 5.82
CA ALA A 27 8.15 -8.23 5.93
C ALA A 27 9.19 -7.31 6.57
N ALA A 28 9.17 -6.03 6.20
CA ALA A 28 10.08 -5.07 6.83
C ALA A 28 9.79 -4.94 8.32
N LYS A 29 8.51 -4.91 8.69
CA LYS A 29 8.15 -4.86 10.10
C LYS A 29 8.64 -6.08 10.85
N ALA A 30 8.47 -7.27 10.25
CA ALA A 30 8.96 -8.48 10.90
C ALA A 30 10.47 -8.47 11.04
N LEU A 31 11.17 -7.98 10.03
CA LEU A 31 12.62 -7.88 10.09
C LEU A 31 13.08 -6.94 11.19
N ARG A 32 12.42 -5.78 11.31
CA ARG A 32 12.75 -4.85 12.38
C ARG A 32 12.47 -5.44 13.74
N ASP A 33 11.36 -6.18 13.87
CA ASP A 33 11.05 -6.84 15.14
C ASP A 33 12.11 -7.88 15.49
N ARG A 34 12.57 -8.64 14.49
CA ARG A 34 13.61 -9.64 14.75
C ARG A 34 14.92 -8.97 15.17
N TYR A 35 15.28 -7.87 14.52
CA TYR A 35 16.47 -7.13 14.91
C TYR A 35 16.34 -6.60 16.33
N GLU A 36 15.16 -6.09 16.70
CA GLU A 36 14.94 -5.62 18.05
C GLU A 36 15.05 -6.75 19.07
N GLU A 37 14.50 -7.92 18.74
CA GLU A 37 14.61 -9.07 19.62
C GLU A 37 16.06 -9.48 19.80
N GLU A 38 16.84 -9.46 18.71
CA GLU A 38 18.26 -9.79 18.82
C GLU A 38 18.99 -8.78 19.69
N ALA A 39 18.68 -7.49 19.54
CA ALA A 39 19.32 -6.47 20.36
C ALA A 39 18.96 -6.63 21.83
N LEU A 40 17.70 -6.97 22.12
CA LEU A 40 17.28 -7.13 23.51
C LEU A 40 17.85 -8.39 24.14
N SER A 41 18.00 -9.46 23.36
CA SER A 41 18.48 -10.72 23.92
C SER A 41 19.93 -10.60 24.41
N TRP A 42 20.79 -9.97 23.62
CA TRP A 42 22.19 -9.85 23.98
C TRP A 42 22.49 -8.69 24.93
N GLY A 43 21.55 -7.78 25.11
CA GLY A 43 21.74 -6.63 25.96
C GLY A 43 21.93 -5.34 25.18
N GLN A 44 21.96 -4.24 25.92
CA GLN A 44 22.06 -2.92 25.30
C GLN A 44 23.43 -2.74 24.64
N ARG A 45 23.46 -1.90 23.61
CA ARG A 45 24.67 -1.58 22.87
C ARG A 45 25.21 -0.23 23.33
N ASN A 46 26.52 -0.18 23.57
CA ASN A 46 27.13 1.06 24.06
C ASN A 46 27.00 2.20 23.06
N CYS A 47 27.22 1.90 21.77
CA CYS A 47 27.14 2.94 20.75
C CYS A 47 25.71 3.42 20.58
N SER A 48 25.54 4.74 20.50
CA SER A 48 24.21 5.31 20.30
C SER A 48 23.75 5.09 18.87
N PHE A 49 22.51 4.63 18.72
CA PHE A 49 21.92 4.36 17.42
C PHE A 49 20.55 5.01 17.31
N ARG A 50 20.43 6.25 17.77
CA ARG A 50 19.15 6.94 17.73
C ARG A 50 18.78 7.23 16.28
N PRO A 51 17.54 6.94 15.87
CA PRO A 51 17.13 7.28 14.51
C PRO A 51 17.01 8.79 14.33
N ARG A 52 18.15 9.45 14.19
CA ARG A 52 18.19 10.89 14.09
C ARG A 52 17.44 11.36 12.84
N ARG A 53 16.77 12.51 12.96
CA ARG A 53 16.03 13.07 11.84
C ARG A 53 16.99 13.52 10.74
N ASP A 54 16.57 13.30 9.49
CA ASP A 54 17.34 13.71 8.33
C ASP A 54 16.77 15.00 7.78
N PRO A 55 17.55 16.09 7.72
CA PRO A 55 17.01 17.37 7.26
C PRO A 55 16.56 17.29 5.81
N PRO A 56 15.28 17.50 5.53
CA PRO A 56 14.80 17.48 4.15
C PRO A 56 15.05 18.80 3.44
N ARG A 57 15.08 18.72 2.12
CA ARG A 57 15.28 19.89 1.28
C ARG A 57 14.25 19.91 0.15
N PRO A 58 13.83 21.09 -0.29
CA PRO A 58 12.86 21.16 -1.40
C PRO A 58 13.46 20.82 -2.76
N SER A 59 14.79 20.73 -2.86
CA SER A 59 15.41 20.40 -4.13
C SER A 59 15.06 18.99 -4.55
N SER A 60 14.78 18.80 -5.85
CA SER A 60 14.35 17.50 -6.35
C SER A 60 15.52 16.56 -6.56
N CYS A 61 16.55 17.02 -7.28
CA CYS A 61 17.66 16.14 -7.62
C CYS A 61 18.48 15.80 -6.38
N ALA A 62 18.61 16.75 -5.45
CA ALA A 62 19.26 16.45 -4.18
C ALA A 62 18.48 15.40 -3.40
N ARG A 63 17.15 15.48 -3.42
CA ARG A 63 16.32 14.49 -2.76
C ARG A 63 16.50 13.11 -3.39
N LEU A 64 16.56 13.05 -4.72
CA LEU A 64 16.81 11.77 -5.39
C LEU A 64 18.18 11.22 -5.02
N ARG A 65 19.20 12.07 -4.98
CA ARG A 65 20.53 11.60 -4.61
C ARG A 65 20.55 11.08 -3.17
N HIS A 66 19.87 11.77 -2.25
CA HIS A 66 19.85 11.33 -0.87
C HIS A 66 19.11 10.02 -0.70
N VAL A 67 17.96 9.86 -1.38
CA VAL A 67 17.25 8.59 -1.27
C VAL A 67 18.07 7.47 -1.90
N ALA A 68 18.81 7.77 -2.98
CA ALA A 68 19.69 6.76 -3.56
C ALA A 68 20.78 6.34 -2.58
N ARG A 69 21.39 7.31 -1.88
CA ARG A 69 22.41 6.98 -0.91
C ARG A 69 21.85 6.14 0.23
N GLY A 70 20.66 6.49 0.71
CA GLY A 70 20.02 5.69 1.75
C GLY A 70 19.70 4.28 1.28
N ILE A 71 19.20 4.15 0.06
CA ILE A 71 18.89 2.83 -0.50
C ILE A 71 20.16 1.99 -0.57
N ALA A 72 21.25 2.59 -1.07
CA ALA A 72 22.49 1.84 -1.20
C ALA A 72 23.03 1.38 0.15
N ASP A 73 23.02 2.29 1.14
CA ASP A 73 23.55 1.93 2.45
C ASP A 73 22.70 0.84 3.11
N ALA A 74 21.38 0.97 3.04
CA ALA A 74 20.50 -0.05 3.61
C ALA A 74 20.69 -1.39 2.91
N GLN A 75 20.78 -1.39 1.58
CA GLN A 75 20.98 -2.63 0.85
C GLN A 75 22.28 -3.29 1.26
N ALA A 76 23.35 -2.51 1.38
CA ALA A 76 24.64 -3.07 1.79
C ALA A 76 24.54 -3.71 3.17
N VAL A 77 23.95 -3.00 4.13
CA VAL A 77 23.90 -3.50 5.50
C VAL A 77 23.05 -4.77 5.58
N LEU A 78 21.86 -4.73 4.98
CA LEU A 78 20.96 -5.89 5.03
C LEU A 78 21.55 -7.09 4.30
N SER A 79 22.20 -6.88 3.15
CA SER A 79 22.82 -8.00 2.45
C SER A 79 23.95 -8.60 3.27
N GLY A 80 24.78 -7.76 3.88
CA GLY A 80 25.84 -8.29 4.73
C GLY A 80 25.30 -9.07 5.91
N LEU A 81 24.23 -8.56 6.53
CA LEU A 81 23.60 -9.28 7.64
C LEU A 81 23.02 -10.61 7.16
N HIS A 82 22.39 -10.60 5.99
CA HIS A 82 21.79 -11.82 5.44
C HIS A 82 22.83 -12.86 5.08
N ARG A 83 24.04 -12.43 4.71
CA ARG A 83 25.11 -13.39 4.42
C ARG A 83 25.42 -14.24 5.65
N SER A 84 25.44 -13.62 6.82
CA SER A 84 25.64 -14.36 8.07
C SER A 84 24.39 -15.10 8.52
N GLU A 85 23.24 -14.85 7.89
CA GLU A 85 21.96 -15.48 8.26
C GLU A 85 21.63 -15.22 9.71
N LEU A 86 21.91 -14.00 10.18
CA LEU A 86 21.51 -13.62 11.54
C LEU A 86 20.00 -13.56 11.67
N LEU A 87 19.31 -13.02 10.66
CA LEU A 87 17.86 -12.94 10.67
C LEU A 87 17.37 -13.12 9.23
N PRO A 88 16.43 -14.04 9.00
CA PRO A 88 15.93 -14.25 7.63
C PRO A 88 14.74 -13.35 7.30
N GLY A 89 14.17 -13.53 6.11
CA GLY A 89 13.06 -12.71 5.68
C GLY A 89 13.44 -11.41 5.01
N ALA A 90 14.72 -11.19 4.74
CA ALA A 90 15.19 -9.98 4.08
C ALA A 90 15.16 -10.10 2.56
N GLY A 91 14.70 -11.22 2.02
CA GLY A 91 14.61 -11.41 0.59
C GLY A 91 13.80 -10.34 -0.13
N PRO A 92 12.51 -10.23 0.19
CA PRO A 92 11.68 -9.21 -0.47
C PRO A 92 12.24 -7.80 -0.29
N ILE A 93 12.71 -7.49 0.92
CA ILE A 93 13.27 -6.16 1.17
C ILE A 93 14.50 -5.93 0.31
N LEU A 94 15.38 -6.93 0.23
CA LEU A 94 16.60 -6.76 -0.54
C LEU A 94 16.30 -6.58 -2.02
N GLU A 95 15.37 -7.37 -2.57
CA GLU A 95 15.09 -7.23 -4.00
C GLU A 95 14.38 -5.91 -4.30
N LEU A 96 13.49 -5.45 -3.42
CA LEU A 96 12.88 -4.15 -3.65
C LEU A 96 13.90 -3.04 -3.52
N LEU A 97 14.85 -3.16 -2.58
CA LEU A 97 15.90 -2.16 -2.46
C LEU A 97 16.74 -2.11 -3.72
N ALA A 98 17.09 -3.27 -4.27
CA ALA A 98 17.85 -3.28 -5.51
C ALA A 98 17.07 -2.66 -6.66
N ALA A 99 15.78 -2.99 -6.77
CA ALA A 99 14.97 -2.44 -7.84
C ALA A 99 14.82 -0.93 -7.71
N ALA A 100 14.54 -0.44 -6.50
CA ALA A 100 14.38 0.99 -6.30
C ALA A 100 15.68 1.73 -6.56
N GLY A 101 16.81 1.17 -6.11
CA GLY A 101 18.09 1.79 -6.39
C GLY A 101 18.40 1.84 -7.88
N ARG A 102 18.10 0.76 -8.59
CA ARG A 102 18.32 0.74 -10.03
C ARG A 102 17.47 1.81 -10.72
N ASP A 103 16.19 1.90 -10.36
CA ASP A 103 15.32 2.89 -10.98
C ASP A 103 15.74 4.31 -10.64
N VAL A 104 16.12 4.56 -9.40
CA VAL A 104 16.54 5.91 -9.00
C VAL A 104 17.83 6.29 -9.71
N ALA A 105 18.79 5.37 -9.80
CA ALA A 105 20.02 5.67 -10.52
C ALA A 105 19.77 5.90 -12.01
N ALA A 106 18.86 5.12 -12.60
CA ALA A 106 18.52 5.31 -14.00
C ALA A 106 17.89 6.68 -14.21
N CYS A 107 16.97 7.08 -13.33
CA CYS A 107 16.36 8.40 -13.44
C CYS A 107 17.39 9.50 -13.26
N LEU A 108 18.31 9.33 -12.31
CA LEU A 108 19.35 10.33 -12.08
C LEU A 108 20.25 10.48 -13.30
N GLU A 109 20.66 9.37 -13.91
CA GLU A 109 21.53 9.45 -15.06
C GLU A 109 20.80 10.01 -16.29
N LEU A 110 19.54 9.61 -16.48
CA LEU A 110 18.78 10.09 -17.64
C LEU A 110 18.48 11.58 -17.52
N ALA A 111 18.19 12.06 -16.31
CA ALA A 111 17.83 13.46 -16.14
C ALA A 111 18.99 14.38 -16.50
N ARG A 112 20.20 14.02 -16.13
CA ARG A 112 21.38 14.82 -16.46
C ARG A 112 22.41 14.00 -17.23
N ALA A 132 35.24 7.36 14.53
CA ALA A 132 35.46 5.93 14.68
C ALA A 132 34.24 5.25 15.30
N ASP A 133 33.09 5.38 14.63
CA ASP A 133 31.85 4.77 15.11
C ASP A 133 31.80 3.29 14.74
N SER A 134 31.33 2.49 15.68
CA SER A 134 31.25 1.05 15.44
C SER A 134 30.21 0.75 14.36
N PRO A 135 30.41 -0.31 13.58
CA PRO A 135 29.39 -0.71 12.60
C PRO A 135 28.07 -1.14 13.22
N ARG A 136 28.07 -1.51 14.50
CA ARG A 136 26.85 -2.03 15.11
C ARG A 136 25.78 -0.95 15.21
N CYS A 137 26.15 0.24 15.69
CA CYS A 137 25.17 1.32 15.79
C CYS A 137 24.74 1.80 14.42
N ARG A 138 25.63 1.79 13.43
CA ARG A 138 25.24 2.14 12.07
C ARG A 138 24.23 1.15 11.53
N LYS A 139 24.46 -0.15 11.75
CA LYS A 139 23.51 -1.17 11.31
C LYS A 139 22.17 -1.00 11.99
N ALA A 140 22.19 -0.73 13.30
CA ALA A 140 20.93 -0.49 14.02
C ALA A 140 20.20 0.72 13.46
N SER A 141 20.94 1.81 13.18
CA SER A 141 20.32 3.02 12.67
C SER A 141 19.66 2.77 11.32
N VAL A 142 20.37 2.10 10.41
CA VAL A 142 19.79 1.87 9.08
C VAL A 142 18.63 0.90 9.16
N VAL A 143 18.69 -0.10 10.05
CA VAL A 143 17.58 -1.02 10.20
C VAL A 143 16.35 -0.29 10.72
N PHE A 144 16.53 0.60 11.71
CA PHE A 144 15.41 1.35 12.24
C PHE A 144 14.82 2.32 11.21
N ASN A 145 15.69 2.96 10.42
CA ASN A 145 15.24 3.93 9.43
C ASN A 145 14.82 3.28 8.12
N LEU A 146 14.90 1.96 8.00
CA LEU A 146 14.43 1.30 6.78
C LEU A 146 12.97 1.58 6.50
N LEU A 147 12.11 1.52 7.52
CA LEU A 147 10.69 1.78 7.31
C LEU A 147 10.45 3.22 6.86
N ARG A 148 11.13 4.19 7.50
CA ARG A 148 10.97 5.58 7.11
C ARG A 148 11.46 5.81 5.69
N LEU A 149 12.57 5.19 5.31
CA LEU A 149 13.09 5.34 3.95
C LEU A 149 12.13 4.73 2.94
N LEU A 150 11.56 3.56 3.24
CA LEU A 150 10.67 2.91 2.29
C LEU A 150 9.36 3.68 2.14
N THR A 151 8.85 4.24 3.23
CA THR A 151 7.53 4.87 3.22
C THR A 151 7.58 6.37 2.98
N TRP A 152 8.52 7.09 3.61
CA TRP A 152 8.52 8.54 3.51
C TRP A 152 9.41 9.06 2.38
N GLU A 153 10.70 8.74 2.44
CA GLU A 153 11.65 9.29 1.47
C GLU A 153 11.35 8.79 0.07
N LEU A 154 10.97 7.51 -0.06
CA LEU A 154 10.66 6.97 -1.38
C LEU A 154 9.39 7.59 -1.95
N ARG A 155 8.40 7.86 -1.11
CA ARG A 155 7.18 8.50 -1.59
C ARG A 155 7.48 9.91 -2.12
N LEU A 156 8.30 10.67 -1.39
CA LEU A 156 8.68 12.00 -1.86
C LEU A 156 9.49 11.92 -3.14
N ALA A 157 10.39 10.93 -3.24
CA ALA A 157 11.17 10.77 -4.46
C ALA A 157 10.26 10.44 -5.64
N ALA A 158 9.27 9.58 -5.43
CA ALA A 158 8.32 9.25 -6.49
C ALA A 158 7.54 10.49 -6.92
N HIS A 159 7.10 11.30 -5.95
CA HIS A 159 6.42 12.55 -6.30
C HIS A 159 7.36 13.51 -7.02
N SER A 160 8.66 13.40 -6.77
CA SER A 160 9.63 14.32 -7.37
C SER A 160 9.83 14.04 -8.85
N GLY A 161 9.97 12.76 -9.22
CA GLY A 161 10.26 12.39 -10.58
C GLY A 161 11.72 12.67 -10.93
N PRO A 162 12.00 12.80 -12.23
CA PRO A 162 13.39 13.06 -12.66
C PRO A 162 13.86 14.44 -12.25
N CYS A 163 15.17 14.59 -12.18
CA CYS A 163 15.78 15.88 -11.86
C CYS A 163 15.35 16.93 -12.87
N LEU A 164 14.97 18.10 -12.38
CA LEU A 164 14.50 19.18 -13.24
C LEU A 164 15.66 19.86 -13.96
N MET B 3 19.78 -36.51 -25.70
CA MET B 3 18.83 -37.05 -26.66
C MET B 3 17.43 -36.51 -26.41
N VAL B 4 17.17 -36.14 -25.16
CA VAL B 4 15.85 -35.59 -24.80
C VAL B 4 15.69 -34.21 -25.45
N PRO B 5 14.60 -33.98 -26.16
CA PRO B 5 14.42 -32.68 -26.82
C PRO B 5 14.05 -31.60 -25.81
N PRO B 6 14.59 -30.41 -25.95
CA PRO B 6 14.31 -29.33 -24.99
C PRO B 6 12.90 -28.79 -25.17
N PRO B 7 12.35 -28.14 -24.15
CA PRO B 7 11.03 -27.52 -24.32
C PRO B 7 11.06 -26.41 -25.36
N GLU B 8 9.93 -26.24 -26.04
CA GLU B 8 9.80 -25.23 -27.08
C GLU B 8 8.73 -24.22 -26.70
N ASN B 9 8.90 -22.99 -27.18
CA ASN B 9 7.89 -21.94 -27.07
C ASN B 9 7.51 -21.68 -25.61
N VAL B 10 8.52 -21.27 -24.85
CA VAL B 10 8.33 -20.93 -23.44
C VAL B 10 7.96 -19.46 -23.34
N ARG B 11 6.89 -19.19 -22.61
CA ARG B 11 6.37 -17.84 -22.43
C ARG B 11 6.04 -17.64 -20.97
N MET B 12 5.93 -16.38 -20.57
CA MET B 12 5.49 -16.03 -19.23
C MET B 12 4.23 -15.17 -19.36
N ASN B 13 3.07 -15.77 -19.15
CA ASN B 13 1.80 -15.05 -19.21
C ASN B 13 1.53 -14.46 -17.83
N SER B 14 1.53 -13.13 -17.74
CA SER B 14 1.36 -12.44 -16.47
C SER B 14 0.32 -11.34 -16.65
N VAL B 15 -0.89 -11.60 -16.16
CA VAL B 15 -1.98 -10.63 -16.14
C VAL B 15 -2.29 -10.33 -14.68
N ASN B 16 -2.28 -9.03 -14.33
CA ASN B 16 -2.48 -8.59 -12.95
C ASN B 16 -1.49 -9.27 -12.01
N PHE B 17 -0.24 -9.37 -12.47
CA PHE B 17 0.83 -10.04 -11.71
C PHE B 17 0.48 -11.49 -11.39
N LYS B 18 -0.24 -12.15 -12.30
CA LYS B 18 -0.52 -13.58 -12.18
C LYS B 18 0.43 -14.32 -13.10
N ASN B 19 1.68 -14.46 -12.65
CA ASN B 19 2.71 -15.06 -13.46
C ASN B 19 2.46 -16.56 -13.62
N ILE B 20 2.41 -17.02 -14.87
CA ILE B 20 2.35 -18.45 -15.19
C ILE B 20 3.30 -18.68 -16.36
N LEU B 21 4.36 -19.45 -16.12
CA LEU B 21 5.30 -19.81 -17.18
C LEU B 21 4.76 -21.05 -17.87
N GLN B 22 4.60 -20.96 -19.19
CA GLN B 22 4.11 -22.06 -20.00
C GLN B 22 5.15 -22.43 -21.04
N TRP B 23 5.03 -23.65 -21.57
CA TRP B 23 5.94 -24.10 -22.61
C TRP B 23 5.24 -25.19 -23.41
N GLU B 24 5.81 -25.51 -24.55
CA GLU B 24 5.29 -26.56 -25.42
C GLU B 24 6.13 -27.82 -25.26
N SER B 25 5.45 -28.94 -25.05
CA SER B 25 6.14 -30.22 -24.93
C SER B 25 6.84 -30.56 -26.25
N PRO B 26 8.00 -31.20 -26.20
CA PRO B 26 8.74 -31.48 -27.43
C PRO B 26 8.38 -32.80 -28.09
N ALA B 27 9.08 -33.13 -29.17
CA ALA B 27 8.77 -34.38 -29.91
C ALA B 27 9.64 -35.53 -29.40
N PHE B 28 9.47 -35.91 -28.14
CA PHE B 28 10.22 -37.08 -27.60
C PHE B 28 9.71 -38.35 -28.30
N ALA B 29 10.60 -39.31 -28.56
CA ALA B 29 10.21 -40.53 -29.32
C ALA B 29 9.02 -41.21 -28.63
N LYS B 30 9.13 -41.46 -27.32
CA LYS B 30 8.06 -42.20 -26.59
C LYS B 30 8.31 -42.09 -25.08
N GLY B 31 7.62 -42.91 -24.29
CA GLY B 31 7.83 -42.92 -22.82
C GLY B 31 7.24 -41.68 -22.17
N GLN B 32 7.77 -41.30 -21.00
CA GLN B 32 7.25 -40.12 -20.26
C GLN B 32 8.32 -39.03 -20.22
N LEU B 33 7.95 -37.79 -20.53
CA LEU B 33 8.92 -36.66 -20.47
C LEU B 33 8.44 -35.65 -19.43
N THR B 34 9.07 -35.61 -18.26
CA THR B 34 8.67 -34.68 -17.22
C THR B 34 9.42 -33.35 -17.40
N PHE B 35 9.01 -32.36 -16.61
CA PHE B 35 9.57 -31.03 -16.72
C PHE B 35 10.05 -30.55 -15.36
N THR B 36 11.07 -29.70 -15.37
CA THR B 36 11.61 -29.13 -14.13
C THR B 36 11.92 -27.66 -14.34
N ALA B 37 11.31 -26.81 -13.53
CA ALA B 37 11.42 -25.37 -13.68
C ALA B 37 11.96 -24.75 -12.39
N GLN B 38 12.90 -23.83 -12.55
CA GLN B 38 13.55 -23.16 -11.43
C GLN B 38 13.60 -21.67 -11.70
N TYR B 39 13.85 -20.91 -10.64
CA TYR B 39 14.00 -19.47 -10.72
C TYR B 39 15.27 -19.04 -10.00
N LEU B 40 15.97 -18.07 -10.57
CA LEU B 40 17.20 -17.59 -9.96
C LEU B 40 16.89 -16.73 -8.74
N SER B 41 17.61 -16.97 -7.65
CA SER B 41 17.46 -16.17 -6.43
C SER B 41 18.76 -16.23 -5.66
N TYR B 42 19.36 -15.06 -5.41
CA TYR B 42 20.64 -14.97 -4.70
C TYR B 42 21.72 -15.80 -5.38
N ARG B 43 21.76 -15.72 -6.72
CA ARG B 43 22.78 -16.39 -7.53
C ARG B 43 22.75 -17.90 -7.36
N ILE B 44 21.57 -18.47 -7.16
CA ILE B 44 21.39 -19.92 -7.14
C ILE B 44 19.94 -20.22 -7.48
N PHE B 45 19.73 -21.15 -8.42
CA PHE B 45 18.37 -21.44 -8.86
C PHE B 45 17.64 -22.31 -7.84
N GLN B 46 16.41 -21.92 -7.54
CA GLN B 46 15.55 -22.64 -6.60
C GLN B 46 14.49 -23.40 -7.38
N ASP B 47 14.36 -24.69 -7.11
CA ASP B 47 13.45 -25.54 -7.87
C ASP B 47 11.99 -25.24 -7.54
N LYS B 48 11.35 -24.40 -8.36
CA LYS B 48 9.94 -24.13 -8.17
C LYS B 48 9.09 -25.37 -8.46
N CYS B 49 9.38 -26.07 -9.55
CA CYS B 49 8.66 -27.28 -9.93
C CYS B 49 9.66 -28.36 -10.29
N MET B 50 9.46 -29.56 -9.73
CA MET B 50 10.34 -30.69 -9.97
C MET B 50 9.52 -31.89 -10.41
N GLN B 51 9.92 -32.50 -11.53
CA GLN B 51 9.31 -33.74 -12.03
C GLN B 51 7.80 -33.61 -12.19
N THR B 52 7.35 -32.44 -12.67
CA THR B 52 5.94 -32.21 -12.87
C THR B 52 5.51 -32.72 -14.25
N THR B 53 4.32 -33.32 -14.30
CA THR B 53 3.75 -33.76 -15.56
C THR B 53 3.19 -32.58 -16.37
N LEU B 54 2.68 -31.56 -15.71
CA LEU B 54 2.11 -30.41 -16.38
C LEU B 54 3.18 -29.66 -17.17
N THR B 55 2.74 -28.93 -18.19
CA THR B 55 3.63 -28.17 -19.06
C THR B 55 3.73 -26.70 -18.66
N GLU B 56 3.22 -26.35 -17.48
CA GLU B 56 3.28 -24.97 -17.03
C GLU B 56 3.39 -24.96 -15.51
N CYS B 57 3.87 -23.84 -14.99
CA CYS B 57 3.98 -23.67 -13.54
C CYS B 57 3.82 -22.19 -13.21
N ASP B 58 3.13 -21.90 -12.12
CA ASP B 58 2.92 -20.52 -11.72
C ASP B 58 4.09 -20.00 -10.90
N PHE B 59 4.40 -18.72 -11.09
CA PHE B 59 5.46 -18.05 -10.35
C PHE B 59 4.96 -16.77 -9.69
N SER B 60 3.68 -16.73 -9.33
CA SER B 60 3.13 -15.57 -8.63
C SER B 60 3.73 -15.40 -7.24
N SER B 61 4.33 -16.47 -6.69
CA SER B 61 4.97 -16.36 -5.39
C SER B 61 6.14 -15.39 -5.40
N LEU B 62 6.77 -15.22 -6.56
CA LEU B 62 7.91 -14.32 -6.67
C LEU B 62 7.45 -12.87 -6.55
N SER B 63 8.36 -12.02 -6.06
CA SER B 63 8.01 -10.64 -5.81
C SER B 63 7.72 -9.89 -7.10
N LYS B 64 6.75 -8.97 -7.02
CA LYS B 64 6.44 -8.12 -8.16
C LYS B 64 7.49 -7.05 -8.41
N TYR B 65 8.46 -6.90 -7.52
CA TYR B 65 9.54 -5.95 -7.68
C TYR B 65 10.80 -6.68 -8.14
N GLY B 66 11.50 -6.08 -9.09
CA GLY B 66 12.77 -6.63 -9.54
C GLY B 66 12.63 -7.74 -10.57
N ASP B 67 13.60 -7.83 -11.47
CA ASP B 67 13.54 -8.84 -12.52
C ASP B 67 13.88 -10.21 -11.95
N HIS B 68 13.56 -11.25 -12.74
CA HIS B 68 13.81 -12.62 -12.38
C HIS B 68 14.30 -13.37 -13.61
N THR B 69 14.95 -14.51 -13.36
CA THR B 69 15.40 -15.40 -14.41
C THR B 69 14.73 -16.75 -14.22
N LEU B 70 13.91 -17.16 -15.18
CA LEU B 70 13.19 -18.41 -15.14
C LEU B 70 13.90 -19.41 -16.04
N ARG B 71 13.87 -20.69 -15.68
CA ARG B 71 14.69 -21.64 -16.42
C ARG B 71 14.11 -23.04 -16.25
N VAL B 72 13.67 -23.64 -17.35
CA VAL B 72 13.00 -24.94 -17.32
C VAL B 72 13.68 -25.88 -18.30
N ARG B 73 13.80 -27.15 -17.90
CA ARG B 73 14.29 -28.19 -18.79
C ARG B 73 13.33 -29.36 -18.78
N ALA B 74 13.58 -30.31 -19.68
CA ALA B 74 12.85 -31.55 -19.78
C ALA B 74 13.73 -32.70 -19.33
N GLU B 75 13.16 -33.65 -18.61
CA GLU B 75 13.90 -34.79 -18.10
C GLU B 75 13.17 -36.08 -18.43
N PHE B 76 13.95 -37.08 -18.84
CA PHE B 76 13.45 -38.42 -19.16
C PHE B 76 14.09 -39.39 -18.17
N ALA B 77 13.41 -39.60 -17.04
CA ALA B 77 13.87 -40.48 -15.96
C ALA B 77 15.26 -40.01 -15.53
N ASP B 78 16.29 -40.85 -15.58
CA ASP B 78 17.63 -40.40 -15.22
C ASP B 78 18.14 -39.35 -16.19
N GLU B 79 17.88 -39.54 -17.48
CA GLU B 79 18.39 -38.62 -18.49
C GLU B 79 17.71 -37.26 -18.38
N HIS B 80 18.32 -36.27 -19.03
CA HIS B 80 17.91 -34.88 -18.88
C HIS B 80 18.17 -34.13 -20.17
N SER B 81 17.66 -32.90 -20.23
CA SER B 81 17.81 -32.05 -21.41
C SER B 81 18.35 -30.69 -20.99
N ASP B 82 18.57 -29.85 -21.99
CA ASP B 82 19.29 -28.61 -21.79
C ASP B 82 18.32 -27.54 -21.28
N TRP B 83 18.85 -26.64 -20.45
CA TRP B 83 18.04 -25.60 -19.82
C TRP B 83 17.56 -24.59 -20.86
N VAL B 84 16.28 -24.26 -20.82
CA VAL B 84 15.73 -23.17 -21.63
C VAL B 84 15.32 -22.06 -20.67
N GLN B 85 15.89 -20.87 -20.86
CA GLN B 85 15.85 -19.82 -19.85
C GLN B 85 15.35 -18.51 -20.45
N ILE B 86 14.53 -17.79 -19.68
CA ILE B 86 14.05 -16.47 -20.06
C ILE B 86 14.22 -15.52 -18.88
N THR B 87 14.08 -14.23 -19.17
CA THR B 87 14.10 -13.19 -18.15
C THR B 87 12.73 -12.52 -18.10
N PHE B 88 12.33 -12.10 -16.90
CA PHE B 88 10.97 -11.60 -16.70
C PHE B 88 10.98 -10.47 -15.68
N CYS B 89 10.49 -9.30 -16.06
CA CYS B 89 10.36 -8.17 -15.14
C CYS B 89 8.88 -7.93 -14.87
N PRO B 90 8.36 -8.35 -13.71
CA PRO B 90 6.91 -8.28 -13.50
C PRO B 90 6.34 -6.87 -13.53
N VAL B 91 7.08 -5.88 -13.06
CA VAL B 91 6.54 -4.51 -13.03
C VAL B 91 6.42 -3.92 -14.43
N ASP B 92 7.12 -4.49 -15.41
CA ASP B 92 7.12 -3.96 -16.76
C ASP B 92 6.58 -4.94 -17.79
N ASP B 93 6.77 -6.23 -17.61
CA ASP B 93 6.31 -7.23 -18.57
C ASP B 93 4.91 -7.75 -18.27
N THR B 94 4.31 -7.36 -17.15
CA THR B 94 2.93 -7.74 -16.89
C THR B 94 1.99 -6.86 -17.72
N ILE B 95 0.75 -7.32 -17.83
CA ILE B 95 -0.28 -6.56 -18.53
C ILE B 95 -1.45 -6.35 -17.58
N ILE B 96 -2.18 -5.28 -17.81
CA ILE B 96 -3.30 -4.90 -16.95
C ILE B 96 -4.58 -5.45 -17.53
N GLY B 97 -5.33 -6.17 -16.70
CA GLY B 97 -6.57 -6.78 -17.14
C GLY B 97 -7.67 -5.77 -17.38
N PRO B 98 -8.79 -6.22 -17.90
CA PRO B 98 -9.92 -5.32 -18.16
C PRO B 98 -10.58 -4.87 -16.86
N PRO B 99 -10.58 -3.58 -16.57
CA PRO B 99 -11.24 -3.10 -15.35
C PRO B 99 -12.74 -3.29 -15.41
N GLY B 100 -13.33 -3.52 -14.24
CA GLY B 100 -14.76 -3.74 -14.18
C GLY B 100 -15.56 -2.48 -14.48
N MET B 101 -16.74 -2.69 -15.05
CA MET B 101 -17.58 -1.62 -15.56
C MET B 101 -18.94 -1.66 -14.87
N GLN B 102 -19.42 -0.49 -14.46
CA GLN B 102 -20.78 -0.33 -13.94
C GLN B 102 -21.43 0.78 -14.76
N VAL B 103 -22.27 0.40 -15.71
CA VAL B 103 -22.92 1.34 -16.61
C VAL B 103 -24.40 1.40 -16.26
N GLU B 104 -24.91 2.61 -16.07
CA GLU B 104 -26.33 2.83 -15.81
C GLU B 104 -26.82 3.93 -16.73
N VAL B 105 -27.88 3.66 -17.48
CA VAL B 105 -28.37 4.67 -18.47
C VAL B 105 -29.72 5.21 -18.01
N LEU B 106 -29.84 6.54 -17.89
CA LEU B 106 -31.12 7.17 -17.50
C LEU B 106 -31.41 8.31 -18.48
N ALA B 107 -32.63 8.36 -19.03
CA ALA B 107 -32.96 9.38 -20.05
C ALA B 107 -31.95 9.30 -21.19
N ASP B 108 -31.23 10.40 -21.46
CA ASP B 108 -30.21 10.42 -22.54
C ASP B 108 -28.81 10.49 -21.91
N SER B 109 -28.70 10.11 -20.63
CA SER B 109 -27.39 10.21 -19.93
C SER B 109 -26.90 8.82 -19.50
N LEU B 110 -25.66 8.48 -19.82
CA LEU B 110 -25.08 7.18 -19.40
C LEU B 110 -24.02 7.44 -18.32
N HIS B 111 -24.20 6.86 -17.13
CA HIS B 111 -23.23 7.06 -16.01
C HIS B 111 -22.26 5.88 -16.01
N MET B 112 -20.97 6.15 -15.79
CA MET B 112 -19.97 5.05 -15.88
C MET B 112 -19.08 4.99 -14.63
N ARG B 113 -19.04 3.83 -13.98
CA ARG B 113 -18.17 3.62 -12.82
C ARG B 113 -17.13 2.56 -13.15
N PHE B 114 -15.87 2.87 -12.89
CA PHE B 114 -14.76 1.98 -13.23
C PHE B 114 -14.17 1.39 -11.97
N LEU B 115 -13.93 0.07 -11.99
CA LEU B 115 -13.31 -0.64 -10.88
C LEU B 115 -11.97 -1.18 -11.34
N ALA B 116 -10.91 -0.86 -10.60
CA ALA B 116 -9.57 -1.25 -11.00
C ALA B 116 -9.41 -2.77 -10.96
N PRO B 117 -8.57 -3.32 -11.83
CA PRO B 117 -8.28 -4.77 -11.76
C PRO B 117 -7.58 -5.11 -10.45
N LYS B 118 -7.89 -6.29 -9.94
CA LYS B 118 -7.40 -6.73 -8.63
C LYS B 118 -6.25 -7.71 -8.80
N ILE B 119 -5.29 -7.63 -7.89
CA ILE B 119 -4.18 -8.57 -7.83
C ILE B 119 -4.57 -9.75 -6.95
N GLU B 120 -4.43 -10.97 -7.47
CA GLU B 120 -4.93 -12.14 -6.78
C GLU B 120 -4.18 -12.43 -5.48
N ASN B 121 -2.94 -11.98 -5.36
CA ASN B 121 -2.14 -12.25 -4.17
C ASN B 121 -2.31 -11.21 -3.07
N GLU B 122 -3.02 -10.11 -3.35
CA GLU B 122 -3.18 -9.02 -2.40
C GLU B 122 -4.64 -8.93 -1.95
N TYR B 123 -4.89 -7.98 -1.06
CA TYR B 123 -6.24 -7.76 -0.57
C TYR B 123 -7.09 -7.06 -1.64
N GLU B 124 -8.39 -7.02 -1.40
CA GLU B 124 -9.28 -6.32 -2.31
C GLU B 124 -9.07 -4.82 -2.30
N THR B 125 -8.46 -4.28 -1.24
CA THR B 125 -8.20 -2.84 -1.17
C THR B 125 -7.01 -2.44 -2.03
N TRP B 126 -5.98 -3.27 -2.10
CA TRP B 126 -4.79 -2.98 -2.90
C TRP B 126 -4.99 -3.57 -4.29
N THR B 127 -5.38 -2.73 -5.24
CA THR B 127 -5.65 -3.16 -6.60
C THR B 127 -4.47 -2.79 -7.50
N MET B 128 -4.63 -2.98 -8.81
CA MET B 128 -3.59 -2.58 -9.74
C MET B 128 -3.47 -1.06 -9.82
N LYS B 129 -4.54 -0.34 -9.51
CA LYS B 129 -4.47 1.12 -9.48
C LYS B 129 -3.51 1.60 -8.40
N ASP B 130 -3.52 0.94 -7.24
CA ASP B 130 -2.57 1.29 -6.20
C ASP B 130 -1.15 0.94 -6.61
N MET B 131 -0.98 -0.17 -7.33
CA MET B 131 0.36 -0.57 -7.75
C MET B 131 0.95 0.44 -8.72
N TYR B 132 0.21 0.78 -9.77
CA TYR B 132 0.62 1.81 -10.73
C TYR B 132 -0.11 3.10 -10.33
N ASN B 133 0.56 3.90 -9.50
CA ASN B 133 -0.10 5.08 -8.93
C ASN B 133 -0.48 6.09 -10.01
N SER B 134 0.40 6.32 -10.98
CA SER B 134 0.09 7.21 -12.09
C SER B 134 -0.78 6.44 -13.08
N TRP B 135 -2.08 6.44 -12.81
CA TRP B 135 -3.05 5.61 -13.50
C TRP B 135 -4.17 6.49 -14.04
N THR B 136 -4.73 6.08 -15.17
CA THR B 136 -5.86 6.79 -15.76
C THR B 136 -6.78 5.77 -16.41
N TYR B 137 -8.03 6.16 -16.58
CA TYR B 137 -9.02 5.32 -17.25
C TYR B 137 -9.30 5.92 -18.63
N ASN B 138 -9.28 5.07 -19.65
CA ASN B 138 -9.65 5.46 -20.98
C ASN B 138 -10.96 4.77 -21.36
N VAL B 139 -11.77 5.45 -22.16
CA VAL B 139 -13.06 4.91 -22.57
C VAL B 139 -13.24 5.18 -24.06
N GLN B 140 -13.72 4.19 -24.79
CA GLN B 140 -14.14 4.39 -26.16
C GLN B 140 -15.58 3.95 -26.32
N TYR B 141 -16.40 4.78 -26.95
CA TYR B 141 -17.80 4.46 -27.15
C TYR B 141 -18.19 4.74 -28.60
N TRP B 142 -19.23 4.03 -29.03
CA TRP B 142 -19.70 4.16 -30.40
C TRP B 142 -21.13 3.62 -30.49
N LYS B 143 -21.92 4.23 -31.36
CA LYS B 143 -23.23 3.68 -31.65
C LYS B 143 -23.07 2.31 -32.30
N GLN B 144 -23.97 1.39 -31.98
CA GLN B 144 -23.86 0.04 -32.49
C GLN B 144 -23.92 0.02 -34.01
N GLY B 145 -22.98 -0.68 -34.63
CA GLY B 145 -22.86 -0.76 -36.08
C GLY B 145 -22.02 0.33 -36.71
N THR B 146 -22.14 1.57 -36.20
CA THR B 146 -21.36 2.67 -36.74
C THR B 146 -19.87 2.44 -36.53
N ASP B 147 -19.47 1.97 -35.35
CA ASP B 147 -18.08 1.65 -35.03
C ASP B 147 -17.16 2.85 -35.24
N GLU B 148 -17.61 4.03 -34.80
CA GLU B 148 -16.78 5.23 -34.77
C GLU B 148 -16.32 5.43 -33.34
N LYS B 149 -15.05 5.12 -33.08
CA LYS B 149 -14.51 5.12 -31.72
C LYS B 149 -14.35 6.55 -31.24
N PHE B 150 -15.27 7.00 -30.37
CA PHE B 150 -15.12 8.28 -29.70
C PHE B 150 -14.45 8.04 -28.35
N GLN B 151 -13.35 8.75 -28.10
CA GLN B 151 -12.52 8.51 -26.93
C GLN B 151 -12.76 9.59 -25.88
N ILE B 152 -12.97 9.16 -24.64
CA ILE B 152 -13.10 10.05 -23.50
C ILE B 152 -12.22 9.52 -22.38
N THR B 153 -11.49 10.43 -21.72
CA THR B 153 -10.54 10.06 -20.67
C THR B 153 -10.95 10.72 -19.37
N PRO B 154 -11.74 10.05 -18.54
CA PRO B 154 -12.16 10.66 -17.27
C PRO B 154 -10.99 10.88 -16.33
N GLN B 155 -11.07 11.96 -15.56
CA GLN B 155 -10.07 12.23 -14.54
C GLN B 155 -10.28 11.39 -13.29
N TYR B 156 -11.51 10.90 -13.06
CA TYR B 156 -11.82 10.08 -11.89
C TYR B 156 -12.44 8.76 -12.32
N ASP B 157 -12.89 7.97 -11.36
CA ASP B 157 -13.51 6.69 -11.62
C ASP B 157 -14.96 6.79 -12.05
N PHE B 158 -15.45 7.99 -12.39
CA PHE B 158 -16.80 8.18 -12.84
C PHE B 158 -16.81 9.02 -14.11
N GLU B 159 -17.73 8.71 -15.02
CA GLU B 159 -17.87 9.43 -16.27
C GLU B 159 -19.33 9.49 -16.66
N VAL B 160 -19.80 10.66 -17.08
CA VAL B 160 -21.19 10.88 -17.44
C VAL B 160 -21.23 11.32 -18.90
N LEU B 161 -21.67 10.41 -19.78
CA LEU B 161 -21.92 10.77 -21.17
C LEU B 161 -23.33 11.32 -21.31
N ARG B 162 -23.47 12.38 -22.08
CA ARG B 162 -24.72 13.11 -22.18
C ARG B 162 -25.14 13.25 -23.65
N ASN B 163 -26.41 13.57 -23.83
CA ASN B 163 -27.00 13.83 -25.16
C ASN B 163 -26.87 12.60 -26.06
N LEU B 164 -27.56 11.53 -25.66
CA LEU B 164 -27.61 10.31 -26.44
C LEU B 164 -28.95 10.21 -27.16
N GLU B 165 -28.90 9.90 -28.45
CA GLU B 165 -30.09 9.90 -29.29
C GLU B 165 -30.98 8.73 -28.86
N PRO B 166 -32.22 8.99 -28.45
CA PRO B 166 -33.00 7.93 -27.79
C PRO B 166 -33.29 6.75 -28.70
N ARG B 167 -33.42 5.58 -28.07
CA ARG B 167 -33.78 4.33 -28.74
C ARG B 167 -32.70 3.85 -29.70
N THR B 168 -31.45 4.20 -29.43
CA THR B 168 -30.31 3.70 -30.18
C THR B 168 -29.27 3.19 -29.18
N THR B 169 -28.81 1.96 -29.39
CA THR B 169 -27.88 1.34 -28.45
C THR B 169 -26.49 1.90 -28.63
N TYR B 170 -25.81 2.19 -27.52
CA TYR B 170 -24.43 2.63 -27.52
C TYR B 170 -23.56 1.60 -26.83
N CYS B 171 -22.47 1.21 -27.47
CA CYS B 171 -21.54 0.25 -26.91
C CYS B 171 -20.28 0.98 -26.46
N VAL B 172 -19.85 0.69 -25.23
CA VAL B 172 -18.71 1.36 -24.62
C VAL B 172 -17.73 0.32 -24.12
N GLN B 173 -16.47 0.73 -24.01
CA GLN B 173 -15.41 -0.08 -23.45
C GLN B 173 -14.50 0.81 -22.61
N VAL B 174 -13.88 0.22 -21.60
CA VAL B 174 -12.97 0.93 -20.72
C VAL B 174 -11.65 0.16 -20.69
N ARG B 175 -10.58 0.88 -20.35
CA ARG B 175 -9.27 0.27 -20.22
C ARG B 175 -8.42 1.11 -19.27
N GLY B 176 -7.36 0.48 -18.76
CA GLY B 176 -6.44 1.18 -17.87
C GLY B 176 -5.21 1.68 -18.60
N PHE B 177 -5.04 2.99 -18.66
CA PHE B 177 -3.91 3.62 -19.31
C PHE B 177 -2.92 4.11 -18.26
N LEU B 178 -1.64 4.10 -18.64
CA LEU B 178 -0.56 4.59 -17.79
C LEU B 178 0.14 5.73 -18.52
N PRO B 179 -0.23 6.98 -18.28
CA PRO B 179 0.24 8.08 -19.13
C PRO B 179 1.75 8.27 -19.13
N ASP B 180 2.44 8.01 -18.02
CA ASP B 180 3.86 8.30 -17.95
C ASP B 180 4.66 7.42 -18.91
N ARG B 181 4.40 6.11 -18.89
CA ARG B 181 5.13 5.17 -19.72
C ARG B 181 4.42 4.88 -21.04
N ASN B 182 3.19 5.37 -21.23
CA ASN B 182 2.42 5.15 -22.44
C ASN B 182 2.19 3.66 -22.69
N LYS B 183 1.61 3.01 -21.67
CA LYS B 183 1.31 1.55 -21.76
C LYS B 183 -0.18 1.36 -21.44
N ALA B 184 -0.97 0.96 -22.44
CA ALA B 184 -2.43 0.75 -22.24
C ALA B 184 -2.67 -0.63 -21.62
N GLY B 185 -3.85 -0.86 -21.04
CA GLY B 185 -4.19 -2.17 -20.47
C GLY B 185 -4.96 -3.01 -21.48
N GLU B 186 -6.10 -3.55 -21.07
CA GLU B 186 -6.96 -4.34 -22.00
C GLU B 186 -8.35 -3.71 -22.06
N TRP B 187 -8.81 -3.36 -23.27
CA TRP B 187 -10.19 -2.81 -23.41
C TRP B 187 -11.17 -3.79 -22.78
N SER B 188 -11.99 -3.30 -21.83
CA SER B 188 -12.96 -4.19 -21.13
C SER B 188 -14.02 -4.68 -22.12
N GLU B 189 -14.73 -5.75 -21.77
CA GLU B 189 -15.77 -6.28 -22.64
C GLU B 189 -16.62 -5.13 -23.16
N PRO B 190 -16.91 -5.08 -24.45
CA PRO B 190 -17.77 -4.00 -24.96
C PRO B 190 -19.20 -4.17 -24.50
N VAL B 191 -19.64 -3.33 -23.56
CA VAL B 191 -20.99 -3.42 -23.01
C VAL B 191 -21.88 -2.47 -23.78
N CYS B 192 -23.04 -2.97 -24.22
CA CYS B 192 -23.95 -2.21 -25.06
C CYS B 192 -25.22 -1.92 -24.26
N GLU B 193 -25.57 -0.64 -24.15
CA GLU B 193 -26.73 -0.19 -23.39
C GLU B 193 -27.70 0.50 -24.33
N GLN B 194 -28.98 0.16 -24.21
CA GLN B 194 -30.04 0.81 -24.95
C GLN B 194 -30.65 1.92 -24.09
N THR B 195 -30.51 3.16 -24.55
CA THR B 195 -30.97 4.29 -23.75
C THR B 195 -32.50 4.32 -23.67
N THR B 196 -32.99 4.79 -22.54
CA THR B 196 -34.43 4.80 -22.29
C THR B 196 -35.13 5.86 -23.12
N HIS B 197 -36.36 5.55 -23.54
CA HIS B 197 -37.16 6.46 -24.34
C HIS B 197 -37.68 7.62 -23.50
N PRO C 6 0.41 6.07 42.75
CA PRO C 6 0.73 5.72 41.36
C PRO C 6 -0.52 5.38 40.55
N PRO C 7 -0.63 5.81 39.26
CA PRO C 7 -1.75 5.41 38.41
C PRO C 7 -1.72 3.89 38.21
N GLN C 8 -2.83 3.20 38.48
CA GLN C 8 -2.83 1.71 38.40
C GLN C 8 -2.85 1.21 36.96
N ASN C 9 -3.71 1.78 36.09
CA ASN C 9 -3.85 1.22 34.72
C ASN C 9 -3.31 2.19 33.66
N VAL C 10 -1.99 2.28 33.51
CA VAL C 10 -1.39 3.10 32.47
C VAL C 10 -1.44 2.32 31.16
N THR C 11 -2.21 2.81 30.20
CA THR C 11 -2.42 2.15 28.92
C THR C 11 -2.27 3.15 27.78
N LEU C 12 -1.49 2.78 26.77
CA LEU C 12 -1.27 3.62 25.59
C LEU C 12 -2.06 3.02 24.43
N LEU C 13 -3.10 3.73 24.01
CA LEU C 13 -3.99 3.23 22.96
C LEU C 13 -4.10 4.28 21.85
N SER C 14 -4.85 3.95 20.80
CA SER C 14 -5.02 4.81 19.65
C SER C 14 -6.49 4.94 19.32
N GLN C 15 -6.96 6.17 19.14
CA GLN C 15 -8.33 6.46 18.76
C GLN C 15 -8.33 7.62 17.77
N ASN C 16 -9.09 7.48 16.69
CA ASN C 16 -9.29 8.53 15.70
C ASN C 16 -7.95 9.14 15.24
N PHE C 17 -7.11 8.29 14.67
CA PHE C 17 -5.80 8.65 14.13
C PHE C 17 -4.89 9.28 15.18
N SER C 18 -5.22 9.20 16.46
CA SER C 18 -4.44 9.84 17.50
C SER C 18 -4.00 8.80 18.53
N VAL C 19 -2.94 9.12 19.26
CA VAL C 19 -2.38 8.24 20.28
C VAL C 19 -2.62 8.88 21.64
N TYR C 20 -3.36 8.18 22.51
CA TYR C 20 -3.71 8.66 23.83
C TYR C 20 -3.10 7.76 24.89
N LEU C 21 -2.47 8.38 25.89
CA LEU C 21 -2.04 7.68 27.09
C LEU C 21 -3.07 7.96 28.18
N THR C 22 -3.67 6.90 28.71
CA THR C 22 -4.72 7.01 29.71
C THR C 22 -4.33 6.21 30.94
N TRP C 23 -4.93 6.57 32.08
CA TRP C 23 -4.62 5.89 33.32
C TRP C 23 -5.69 6.19 34.35
N LEU C 24 -5.94 5.22 35.22
CA LEU C 24 -6.74 5.48 36.40
C LEU C 24 -5.91 5.13 37.63
N PRO C 25 -6.09 5.88 38.72
CA PRO C 25 -5.17 5.81 39.85
C PRO C 25 -5.64 4.86 40.95
N GLY C 26 -4.79 4.72 41.96
CA GLY C 26 -5.09 3.86 43.09
C GLY C 26 -5.68 4.62 44.28
N LEU C 27 -6.38 3.87 45.13
CA LEU C 27 -7.02 4.46 46.29
C LEU C 27 -5.97 4.81 47.35
N GLY C 28 -6.34 5.75 48.22
CA GLY C 28 -5.49 6.20 49.29
C GLY C 28 -4.72 7.47 49.00
N ASN C 29 -4.58 7.83 47.73
CA ASN C 29 -3.89 9.06 47.39
C ASN C 29 -4.79 10.26 47.68
N PRO C 30 -4.20 11.41 48.00
CA PRO C 30 -5.01 12.61 48.25
C PRO C 30 -5.62 13.13 46.95
N GLN C 31 -6.46 14.15 47.12
CA GLN C 31 -7.18 14.75 46.00
C GLN C 31 -6.43 15.93 45.38
N ASP C 32 -5.16 16.10 45.69
CA ASP C 32 -4.36 17.19 45.17
C ASP C 32 -3.21 16.69 44.29
N VAL C 33 -3.28 15.43 43.88
CA VAL C 33 -2.21 14.81 43.10
C VAL C 33 -2.32 15.27 41.65
N THR C 34 -1.19 15.66 41.07
CA THR C 34 -1.10 15.92 39.65
C THR C 34 -0.36 14.77 38.98
N TYR C 35 -0.21 14.86 37.66
CA TYR C 35 0.38 13.76 36.91
C TYR C 35 1.48 14.28 36.00
N PHE C 36 2.62 13.59 36.01
CA PHE C 36 3.72 13.87 35.11
C PHE C 36 3.93 12.67 34.20
N VAL C 37 4.07 12.95 32.90
CA VAL C 37 4.06 11.91 31.87
C VAL C 37 5.29 12.10 30.98
N ALA C 38 5.96 10.98 30.67
CA ALA C 38 7.15 11.01 29.80
C ALA C 38 7.04 9.86 28.79
N TYR C 39 7.56 10.03 27.58
CA TYR C 39 7.44 8.99 26.52
C TYR C 39 8.83 8.45 26.16
N GLN C 40 8.91 7.18 25.78
CA GLN C 40 10.21 6.56 25.41
C GLN C 40 10.04 5.82 24.07
N SER C 41 10.95 6.05 23.12
CA SER C 41 10.89 5.37 21.80
C SER C 41 11.50 3.97 21.92
N SER C 42 11.19 3.07 20.97
CA SER C 42 11.77 1.73 20.98
C SER C 42 13.29 1.74 20.78
N PRO C 43 13.85 2.47 19.82
CA PRO C 43 15.30 2.65 19.82
C PRO C 43 15.70 3.61 20.93
N THR C 44 17.00 3.62 21.22
CA THR C 44 17.62 4.44 22.28
C THR C 44 16.71 4.52 23.51
N ARG C 45 16.47 3.35 24.11
CA ARG C 45 15.52 3.23 25.21
C ARG C 45 15.93 4.04 26.43
N ARG C 46 17.19 4.46 26.52
CA ARG C 46 17.64 5.23 27.67
C ARG C 46 16.92 6.57 27.76
N ARG C 47 16.62 7.18 26.61
CA ARG C 47 15.93 8.47 26.59
C ARG C 47 14.51 8.33 27.12
N TRP C 48 14.10 9.29 27.95
CA TRP C 48 12.79 9.27 28.61
C TRP C 48 12.13 10.65 28.52
N ARG C 49 12.01 11.17 27.29
CA ARG C 49 11.49 12.51 27.06
C ARG C 49 10.15 12.73 27.74
N GLU C 50 10.01 13.88 28.40
CA GLU C 50 8.84 14.20 29.18
C GLU C 50 7.91 15.11 28.38
N VAL C 51 6.61 14.83 28.46
CA VAL C 51 5.61 15.49 27.63
C VAL C 51 5.17 16.77 28.35
N GLU C 52 5.34 17.91 27.68
CA GLU C 52 5.12 19.20 28.33
C GLU C 52 3.63 19.52 28.45
N GLU C 53 2.83 19.15 27.44
CA GLU C 53 1.41 19.50 27.47
C GLU C 53 0.66 18.77 28.58
N CYS C 54 1.18 17.61 29.01
CA CYS C 54 0.60 16.84 30.09
C CYS C 54 1.31 17.08 31.43
N ALA C 55 2.32 17.94 31.46
CA ALA C 55 3.15 18.10 32.65
C ALA C 55 2.33 18.73 33.77
N GLY C 56 2.23 18.01 34.89
CA GLY C 56 1.51 18.53 36.05
C GLY C 56 0.05 18.81 35.78
N THR C 57 -0.60 17.94 35.01
CA THR C 57 -2.00 18.10 34.64
C THR C 57 -2.85 17.09 35.38
N LYS C 58 -3.94 17.55 35.98
CA LYS C 58 -4.86 16.65 36.67
C LYS C 58 -5.64 15.78 35.70
N GLU C 59 -5.57 16.06 34.41
CA GLU C 59 -6.25 15.24 33.42
C GLU C 59 -5.71 13.82 33.42
N LEU C 60 -6.60 12.85 33.32
CA LEU C 60 -6.23 11.44 33.28
C LEU C 60 -5.96 10.93 31.87
N LEU C 61 -6.07 11.78 30.86
CA LEU C 61 -5.80 11.42 29.48
C LEU C 61 -4.86 12.45 28.89
N CYS C 62 -3.86 11.99 28.14
CA CYS C 62 -2.93 12.91 27.48
C CYS C 62 -2.57 12.41 26.09
N SER C 63 -2.72 13.30 25.11
CA SER C 63 -2.44 12.93 23.72
C SER C 63 -0.95 12.68 23.52
N MET C 64 -0.64 11.82 22.56
CA MET C 64 0.74 11.47 22.25
C MET C 64 1.11 11.62 20.78
N MET C 65 0.15 11.90 19.90
CA MET C 65 0.46 11.90 18.47
C MET C 65 1.43 13.02 18.11
N CYS C 66 1.21 14.21 18.66
CA CYS C 66 2.08 15.37 18.33
C CYS C 66 2.95 15.71 19.54
N LEU C 67 4.21 15.25 19.56
CA LEU C 67 5.09 15.47 20.72
C LEU C 67 6.37 16.19 20.28
N LYS C 68 7.33 16.39 21.19
CA LYS C 68 8.57 17.14 20.86
C LYS C 68 9.28 16.47 19.68
N LYS C 69 9.56 15.16 19.78
CA LYS C 69 10.20 14.42 18.66
C LYS C 69 9.75 12.96 18.74
N GLN C 70 8.72 12.59 17.97
CA GLN C 70 8.20 11.20 18.00
C GLN C 70 8.24 10.61 16.58
N ASP C 71 8.98 9.52 16.39
CA ASP C 71 9.03 8.85 15.06
C ASP C 71 7.89 7.84 14.98
N LEU C 72 6.74 8.24 14.44
CA LEU C 72 5.60 7.35 14.37
C LEU C 72 5.96 6.02 13.72
N TYR C 73 7.04 6.00 12.94
CA TYR C 73 7.49 4.77 12.30
C TYR C 73 7.95 3.74 13.33
N ASN C 74 8.70 4.19 14.33
CA ASN C 74 9.23 3.32 15.37
C ASN C 74 8.23 3.20 16.53
N LYS C 75 8.40 2.15 17.32
CA LYS C 75 7.54 1.95 18.47
C LYS C 75 7.91 2.93 19.59
N PHE C 76 6.91 3.24 20.43
CA PHE C 76 7.16 4.08 21.59
C PHE C 76 6.17 3.69 22.68
N LYS C 77 6.56 4.01 23.92
CA LYS C 77 5.78 3.74 25.11
C LYS C 77 5.79 4.99 25.98
N GLY C 78 4.95 4.98 27.00
CA GLY C 78 4.87 6.11 27.92
C GLY C 78 4.86 5.64 29.36
N ARG C 79 5.27 6.56 30.24
CA ARG C 79 5.24 6.33 31.67
C ARG C 79 4.59 7.52 32.36
N VAL C 80 3.87 7.23 33.44
CA VAL C 80 3.12 8.23 34.20
C VAL C 80 3.53 8.11 35.66
N ARG C 81 3.45 9.22 36.39
CA ARG C 81 3.70 9.18 37.82
C ARG C 81 2.72 10.11 38.53
N THR C 82 2.44 9.77 39.78
CA THR C 82 1.61 10.63 40.62
C THR C 82 2.50 11.57 41.42
N VAL C 83 2.32 12.86 41.22
CA VAL C 83 3.16 13.88 41.84
C VAL C 83 2.33 14.62 42.87
N SER C 84 2.81 14.65 44.10
CA SER C 84 2.18 15.33 45.22
C SER C 84 3.21 16.18 45.92
N PRO C 85 2.79 17.24 46.62
CA PRO C 85 3.77 18.06 47.37
C PRO C 85 4.53 17.26 48.41
N SER C 86 3.88 16.27 49.04
CA SER C 86 4.58 15.45 50.03
C SER C 86 5.60 14.53 49.36
N SER C 87 5.21 13.83 48.31
CA SER C 87 6.09 12.86 47.66
C SER C 87 5.56 12.57 46.26
N LYS C 88 6.40 11.92 45.47
CA LYS C 88 6.06 11.52 44.11
C LYS C 88 6.16 10.00 43.99
N SER C 89 5.10 9.38 43.47
CA SER C 89 5.08 7.94 43.28
C SER C 89 6.04 7.55 42.16
N PRO C 90 6.53 6.31 42.16
CA PRO C 90 7.36 5.85 41.05
C PRO C 90 6.57 5.76 39.75
N TRP C 91 7.27 5.91 38.64
CA TRP C 91 6.63 5.90 37.34
C TRP C 91 6.04 4.53 37.03
N VAL C 92 4.94 4.54 36.28
CA VAL C 92 4.28 3.32 35.81
C VAL C 92 4.30 3.36 34.28
N GLU C 93 5.02 2.42 33.69
CA GLU C 93 5.21 2.42 32.24
C GLU C 93 3.99 1.80 31.55
N SER C 94 4.06 1.76 30.22
CA SER C 94 2.98 1.23 29.40
C SER C 94 3.58 0.34 28.32
N GLU C 95 2.75 -0.55 27.79
CA GLU C 95 3.19 -1.43 26.72
C GLU C 95 3.49 -0.63 25.46
N TYR C 96 4.37 -1.18 24.62
CA TYR C 96 4.79 -0.49 23.42
C TYR C 96 3.62 -0.35 22.43
N LEU C 97 3.69 0.68 21.61
CA LEU C 97 2.70 0.91 20.56
C LEU C 97 3.41 1.42 19.32
N ASP C 98 3.21 0.73 18.20
CA ASP C 98 3.71 1.17 16.90
C ASP C 98 2.55 1.84 16.16
N TYR C 99 2.76 3.09 15.75
CA TYR C 99 1.66 3.87 15.19
C TYR C 99 1.14 3.26 13.89
N LEU C 100 2.00 3.19 12.87
CA LEU C 100 1.58 2.80 11.54
C LEU C 100 1.03 1.38 11.47
N PHE C 101 1.30 0.56 12.49
CA PHE C 101 0.75 -0.79 12.55
C PHE C 101 -0.34 -0.94 13.59
N GLU C 102 -0.64 0.10 14.37
CA GLU C 102 -1.72 0.01 15.35
C GLU C 102 -2.60 1.26 15.39
N VAL C 103 -2.50 2.16 14.42
CA VAL C 103 -3.33 3.36 14.43
C VAL C 103 -4.78 2.98 14.12
N GLU C 104 -5.71 3.47 14.94
CA GLU C 104 -7.12 3.21 14.73
C GLU C 104 -7.74 4.35 13.93
N PRO C 105 -8.26 4.10 12.74
CA PRO C 105 -8.85 5.18 11.94
C PRO C 105 -10.26 5.52 12.42
N ALA C 106 -10.77 6.61 11.87
CA ALA C 106 -12.10 7.11 12.17
C ALA C 106 -12.86 7.40 10.90
N PRO C 107 -14.19 7.30 10.92
CA PRO C 107 -14.96 7.61 9.72
C PRO C 107 -14.84 9.08 9.36
N PRO C 108 -14.96 9.42 8.09
CA PRO C 108 -14.85 10.82 7.67
C PRO C 108 -16.19 11.55 7.78
N VAL C 109 -16.14 12.84 7.47
CA VAL C 109 -17.34 13.66 7.36
C VAL C 109 -17.69 13.76 5.89
N LEU C 110 -18.91 13.36 5.53
CA LEU C 110 -19.34 13.33 4.14
C LEU C 110 -19.94 14.68 3.78
N VAL C 111 -19.25 15.42 2.92
CA VAL C 111 -19.76 16.70 2.42
C VAL C 111 -20.67 16.40 1.24
N LEU C 112 -21.97 16.60 1.43
CA LEU C 112 -22.98 16.19 0.47
C LEU C 112 -23.26 17.32 -0.50
N THR C 113 -22.90 17.12 -1.77
CA THR C 113 -23.24 18.03 -2.85
C THR C 113 -24.08 17.27 -3.87
N GLN C 114 -25.22 17.84 -4.22
CA GLN C 114 -26.17 17.19 -5.12
C GLN C 114 -26.27 17.97 -6.42
N THR C 115 -26.39 17.25 -7.53
CA THR C 115 -26.70 17.85 -8.82
C THR C 115 -28.12 17.44 -9.20
N GLU C 116 -28.56 17.79 -10.41
CA GLU C 116 -29.91 17.42 -10.83
C GLU C 116 -30.09 15.91 -10.90
N GLU C 117 -29.00 15.17 -11.14
CA GLU C 117 -29.07 13.71 -11.21
C GLU C 117 -27.85 13.03 -10.61
N ILE C 118 -26.91 13.79 -10.04
CA ILE C 118 -25.66 13.26 -9.50
C ILE C 118 -25.49 13.71 -8.06
N LEU C 119 -25.15 12.79 -7.17
CA LEU C 119 -24.89 13.10 -5.77
C LEU C 119 -23.46 12.73 -5.44
N SER C 120 -22.74 13.64 -4.80
CA SER C 120 -21.33 13.44 -4.46
C SER C 120 -21.20 13.26 -2.95
N ALA C 121 -20.38 12.30 -2.53
CA ALA C 121 -20.21 12.00 -1.13
C ALA C 121 -18.76 12.18 -0.71
N ASN C 122 -18.16 13.32 -1.08
CA ASN C 122 -16.76 13.56 -0.81
C ASN C 122 -16.46 13.45 0.68
N ALA C 123 -15.38 12.74 1.00
CA ALA C 123 -15.03 12.50 2.40
C ALA C 123 -13.94 13.46 2.85
N THR C 124 -14.18 14.09 4.00
CA THR C 124 -13.23 15.02 4.60
C THR C 124 -12.75 14.42 5.92
N TYR C 125 -11.43 14.46 6.14
CA TYR C 125 -10.84 13.84 7.36
C TYR C 125 -10.14 14.90 8.20
N GLN C 126 -10.17 14.74 9.53
CA GLN C 126 -9.42 15.67 10.43
C GLN C 126 -8.16 14.96 10.89
N LEU C 127 -7.15 14.83 10.01
CA LEU C 127 -5.92 14.09 10.36
C LEU C 127 -5.04 14.93 11.30
N PRO C 128 -4.30 14.30 12.24
CA PRO C 128 -3.39 15.04 13.12
C PRO C 128 -2.42 15.92 12.31
N PRO C 129 -2.07 17.13 12.79
CA PRO C 129 -1.24 18.06 11.99
C PRO C 129 -0.01 17.42 11.38
N CYS C 130 0.65 16.50 12.10
CA CYS C 130 1.90 15.90 11.64
C CYS C 130 1.84 14.39 11.86
N MET C 131 1.40 13.68 10.82
CA MET C 131 1.37 12.19 10.90
C MET C 131 1.89 11.63 9.57
N PRO C 132 2.42 10.38 9.51
CA PRO C 132 2.86 9.79 8.25
C PRO C 132 1.67 9.64 7.27
N PRO C 133 1.82 10.02 5.99
CA PRO C 133 0.75 9.84 5.00
C PRO C 133 0.43 8.34 4.84
N LEU C 134 -0.86 8.01 4.73
CA LEU C 134 -1.26 6.57 4.64
C LEU C 134 -2.52 6.43 3.80
N ASP C 135 -2.81 5.21 3.33
CA ASP C 135 -4.02 4.97 2.54
C ASP C 135 -5.26 5.36 3.35
N LEU C 136 -6.18 6.04 2.70
CA LEU C 136 -7.40 6.49 3.35
C LEU C 136 -8.62 6.24 2.47
N LYS C 137 -8.70 5.06 1.88
CA LYS C 137 -9.87 4.70 1.08
C LYS C 137 -11.09 4.54 1.99
N TYR C 138 -12.23 5.03 1.51
CA TYR C 138 -13.44 5.00 2.31
C TYR C 138 -14.57 4.33 1.55
N GLU C 139 -15.33 3.49 2.24
CA GLU C 139 -16.48 2.80 1.70
C GLU C 139 -17.74 3.56 2.10
N VAL C 140 -18.65 3.75 1.15
CA VAL C 140 -19.85 4.54 1.37
C VAL C 140 -21.06 3.64 1.30
N ALA C 141 -21.89 3.69 2.33
CA ALA C 141 -23.13 2.91 2.40
C ALA C 141 -24.31 3.85 2.27
N PHE C 142 -25.19 3.56 1.30
CA PHE C 142 -26.30 4.43 0.95
C PHE C 142 -27.58 3.61 0.97
N TRP C 143 -28.64 4.16 1.55
CA TRP C 143 -29.89 3.40 1.63
C TRP C 143 -31.06 4.36 1.81
N LYS C 144 -32.26 3.79 1.91
CA LYS C 144 -33.48 4.53 2.16
C LYS C 144 -33.91 4.36 3.61
N GLU C 145 -34.81 5.24 4.05
CA GLU C 145 -35.22 5.25 5.46
C GLU C 145 -35.94 3.98 5.87
N GLY C 146 -36.51 3.23 4.94
CA GLY C 146 -37.21 2.01 5.28
C GLY C 146 -36.71 0.79 4.54
N ALA C 147 -35.78 0.99 3.60
CA ALA C 147 -35.27 -0.11 2.81
C ALA C 147 -34.52 -1.13 3.67
N GLY C 148 -33.69 -0.64 4.59
CA GLY C 148 -32.94 -1.53 5.45
C GLY C 148 -31.66 -2.04 4.81
N ASN C 149 -31.80 -2.66 3.64
CA ASN C 149 -30.62 -3.13 2.91
C ASN C 149 -29.73 -1.94 2.52
N LYS C 150 -28.44 -2.09 2.74
CA LYS C 150 -27.49 -1.01 2.51
C LYS C 150 -26.71 -1.26 1.22
N THR C 151 -26.75 -0.28 0.32
CA THR C 151 -25.98 -0.33 -0.90
C THR C 151 -24.56 0.12 -0.63
N LEU C 152 -23.60 -0.79 -0.75
CA LEU C 152 -22.21 -0.52 -0.46
C LEU C 152 -21.48 -0.19 -1.75
N PHE C 153 -20.82 0.97 -1.80
CA PHE C 153 -20.12 1.36 -3.01
C PHE C 153 -18.65 0.95 -2.93
N PRO C 154 -18.00 0.75 -4.08
CA PRO C 154 -16.59 0.39 -4.07
C PRO C 154 -15.75 1.48 -3.40
N VAL C 155 -14.66 1.05 -2.78
CA VAL C 155 -13.81 1.98 -2.04
C VAL C 155 -13.18 2.97 -3.00
N THR C 156 -13.03 4.22 -2.54
CA THR C 156 -12.41 5.27 -3.32
C THR C 156 -11.35 5.94 -2.47
N PRO C 157 -10.27 6.41 -3.07
CA PRO C 157 -9.21 7.05 -2.28
C PRO C 157 -9.67 8.38 -1.70
N HIS C 158 -8.97 8.80 -0.65
CA HIS C 158 -9.20 10.11 -0.08
C HIS C 158 -8.99 11.19 -1.13
N GLY C 159 -9.88 12.17 -1.16
CA GLY C 159 -9.85 13.18 -2.18
C GLY C 159 -10.62 12.86 -3.44
N GLN C 160 -11.39 11.77 -3.44
CA GLN C 160 -12.19 11.37 -4.59
C GLN C 160 -13.65 11.23 -4.15
N PRO C 161 -14.56 12.04 -4.66
CA PRO C 161 -15.96 11.92 -4.22
C PRO C 161 -16.60 10.66 -4.77
N VAL C 162 -17.24 9.90 -3.88
CA VAL C 162 -18.06 8.78 -4.33
C VAL C 162 -19.28 9.32 -5.05
N GLN C 163 -19.55 8.79 -6.23
CA GLN C 163 -20.56 9.34 -7.11
C GLN C 163 -21.76 8.40 -7.15
N ILE C 164 -22.95 8.94 -6.87
CA ILE C 164 -24.19 8.17 -6.82
C ILE C 164 -25.16 8.75 -7.84
N THR C 165 -25.64 7.89 -8.73
CA THR C 165 -26.67 8.31 -9.67
C THR C 165 -27.99 8.51 -8.94
N LEU C 166 -28.72 9.55 -9.33
CA LEU C 166 -29.98 9.91 -8.70
C LEU C 166 -31.10 9.54 -9.67
N GLN C 167 -31.64 8.34 -9.52
CA GLN C 167 -32.77 7.92 -10.32
C GLN C 167 -34.00 8.72 -9.90
N PRO C 168 -34.72 9.33 -10.85
CA PRO C 168 -35.90 10.13 -10.48
C PRO C 168 -36.94 9.27 -9.75
N ALA C 169 -37.48 9.84 -8.68
CA ALA C 169 -38.48 9.18 -7.84
C ALA C 169 -39.05 10.22 -6.90
N ALA C 170 -39.89 9.78 -5.96
CA ALA C 170 -40.47 10.68 -4.98
C ALA C 170 -39.43 11.12 -3.96
N SER C 171 -39.74 12.20 -3.25
CA SER C 171 -38.85 12.73 -2.22
C SER C 171 -38.86 11.80 -1.01
N GLU C 172 -37.73 11.15 -0.76
CA GLU C 172 -37.63 10.19 0.34
C GLU C 172 -36.42 10.54 1.19
N HIS C 173 -36.44 10.05 2.44
CA HIS C 173 -35.37 10.33 3.39
C HIS C 173 -34.25 9.32 3.17
N HIS C 174 -33.30 9.67 2.31
CA HIS C 174 -32.17 8.81 2.04
C HIS C 174 -31.10 9.03 3.08
N CYS C 175 -30.45 7.94 3.50
CA CYS C 175 -29.42 7.99 4.51
C CYS C 175 -28.10 7.52 3.95
N LEU C 176 -27.02 8.09 4.48
CA LEU C 176 -25.67 7.86 3.99
C LEU C 176 -24.74 7.63 5.18
N SER C 177 -23.66 6.90 4.93
CA SER C 177 -22.62 6.73 5.94
C SER C 177 -21.34 6.32 5.24
N ALA C 178 -20.22 6.41 5.97
CA ALA C 178 -18.91 6.10 5.40
C ALA C 178 -18.08 5.35 6.42
N ARG C 179 -17.10 4.61 5.92
CA ARG C 179 -16.19 3.83 6.73
C ARG C 179 -14.78 3.99 6.17
N THR C 180 -13.81 4.19 7.07
CA THR C 180 -12.40 4.43 6.64
C THR C 180 -11.66 3.08 6.53
N ILE C 181 -11.03 2.83 5.39
CA ILE C 181 -10.20 1.59 5.23
C ILE C 181 -8.74 2.02 5.19
N TYR C 182 -7.96 1.64 6.21
CA TYR C 182 -6.52 2.00 6.28
C TYR C 182 -5.68 0.78 5.91
N THR C 183 -5.00 0.83 4.76
CA THR C 183 -4.23 -0.36 4.29
C THR C 183 -2.76 0.01 4.11
N PHE C 184 -2.05 0.29 5.21
CA PHE C 184 -0.59 0.54 5.11
C PHE C 184 0.10 -0.78 4.79
N SER C 185 -0.12 -1.79 5.62
CA SER C 185 0.44 -3.15 5.37
C SER C 185 -0.67 -4.18 5.54
N VAL C 186 -1.68 -3.87 6.36
CA VAL C 186 -2.84 -4.77 6.56
C VAL C 186 -4.11 -3.91 6.61
N PRO C 187 -5.16 -4.20 5.82
CA PRO C 187 -6.37 -3.37 5.80
C PRO C 187 -6.98 -3.23 7.20
N LYS C 188 -7.10 -2.00 7.70
CA LYS C 188 -7.73 -1.76 9.02
C LYS C 188 -9.01 -0.96 8.80
N TYR C 189 -10.17 -1.62 8.87
CA TYR C 189 -11.45 -0.92 8.56
C TYR C 189 -11.91 -0.18 9.81
N SER C 190 -12.50 1.01 9.62
CA SER C 190 -13.03 1.79 10.77
C SER C 190 -14.51 1.44 11.00
N LYS C 191 -15.24 2.28 11.71
CA LYS C 191 -16.66 2.03 11.92
C LYS C 191 -17.49 2.98 11.07
N PHE C 192 -18.68 2.53 10.72
CA PHE C 192 -19.56 3.34 9.88
C PHE C 192 -20.05 4.55 10.65
N SER C 193 -19.92 5.72 10.05
CA SER C 193 -20.29 6.97 10.70
C SER C 193 -21.79 7.04 10.92
N LYS C 194 -22.21 8.03 11.70
CA LYS C 194 -23.63 8.24 11.94
C LYS C 194 -24.32 8.59 10.62
N PRO C 195 -25.43 7.96 10.28
CA PRO C 195 -26.09 8.25 9.02
C PRO C 195 -26.49 9.72 8.91
N THR C 196 -26.26 10.28 7.73
CA THR C 196 -26.63 11.66 7.43
C THR C 196 -27.97 11.70 6.69
N CYS C 197 -29.01 11.22 7.38
CA CYS C 197 -30.32 11.09 6.76
C CYS C 197 -30.85 12.45 6.34
N PHE C 198 -31.33 12.53 5.11
CA PHE C 198 -31.77 13.80 4.53
C PHE C 198 -32.79 13.51 3.44
N LEU C 199 -33.70 14.46 3.24
CA LEU C 199 -34.72 14.33 2.21
C LEU C 199 -34.13 14.59 0.84
N LEU C 200 -34.53 13.77 -0.13
CA LEU C 200 -34.11 13.93 -1.52
C LEU C 200 -35.34 13.98 -2.40
N GLU C 201 -35.37 14.98 -3.29
CA GLU C 201 -36.51 15.18 -4.17
C GLU C 201 -36.34 14.41 -5.48
#